data_8EFM
#
_entry.id   8EFM
#
_cell.length_a   89.765
_cell.length_b   89.765
_cell.length_c   174.778
_cell.angle_alpha   90.000
_cell.angle_beta   90.000
_cell.angle_gamma   120.000
#
_symmetry.space_group_name_H-M   'P 61 2 2'
#
loop_
_entity.id
_entity.type
_entity.pdbx_description
1 polymer 'Stimulator of interferon genes protein'
2 non-polymer 'SULFATE ION'
3 non-polymer cGAMP
4 water water
#
_entity_poly.entity_id   1
_entity_poly.type   'polypeptide(L)'
_entity_poly.pdbx_seq_one_letter_code
;NVADGLAWSYYFGYLRLVLPRLELRISESEYFRHKITDRKLFILLPKTCFTCDDIEQADSRVKWVGNLPESKINRGGIKE
RSYKHAVHEIVMPFPDGTEEKYHFIVEYATPLMSLYDMSRFTDAQLTGSERDHQVVLFIRKLTEILGKSEECKGRYELIP
FSGDEDKNKIADILVALHNNANIMVDEEAEVSIPTQ
;
_entity_poly.pdbx_strand_id   A,B
#
# COMPACT_ATOMS: atom_id res chain seq x y z
N ASN A 1 -12.43 10.03 -12.16
CA ASN A 1 -11.52 10.93 -11.44
C ASN A 1 -10.28 10.21 -10.93
N VAL A 2 -9.21 10.98 -10.71
CA VAL A 2 -8.04 10.45 -10.03
C VAL A 2 -8.40 10.05 -8.60
N ALA A 3 -9.18 10.89 -7.92
CA ALA A 3 -9.53 10.64 -6.53
C ALA A 3 -10.39 9.39 -6.36
N ASP A 4 -11.24 9.08 -7.34
CA ASP A 4 -12.09 7.91 -7.21
C ASP A 4 -11.29 6.62 -7.25
N GLY A 5 -10.32 6.53 -8.16
CA GLY A 5 -9.48 5.34 -8.21
C GLY A 5 -8.65 5.16 -6.95
N LEU A 6 -8.13 6.27 -6.41
CA LEU A 6 -7.33 6.18 -5.19
C LEU A 6 -8.19 5.75 -4.00
N ALA A 7 -9.45 6.22 -3.95
CA ALA A 7 -10.31 5.87 -2.84
C ALA A 7 -10.73 4.41 -2.90
N TRP A 8 -11.11 3.93 -4.09
CA TRP A 8 -11.48 2.52 -4.23
C TRP A 8 -10.29 1.60 -3.95
N SER A 9 -9.11 1.96 -4.45
CA SER A 9 -7.92 1.16 -4.17
C SER A 9 -7.61 1.15 -2.68
N TYR A 10 -7.73 2.30 -2.03
CA TYR A 10 -7.53 2.38 -0.58
C TYR A 10 -8.49 1.46 0.17
N TYR A 11 -9.69 1.26 -0.38
CA TYR A 11 -10.66 0.35 0.24
C TYR A 11 -10.33 -1.10 -0.09
N PHE A 12 -10.24 -1.44 -1.38
CA PHE A 12 -10.05 -2.83 -1.78
C PHE A 12 -8.69 -3.36 -1.37
N GLY A 13 -7.66 -2.51 -1.39
CA GLY A 13 -6.32 -2.96 -1.09
C GLY A 13 -5.87 -2.78 0.34
N TYR A 14 -6.72 -2.25 1.23
CA TYR A 14 -6.28 -2.02 2.60
C TYR A 14 -7.42 -2.08 3.60
N LEU A 15 -8.31 -1.09 3.56
CA LEU A 15 -9.35 -0.98 4.60
C LEU A 15 -10.23 -2.22 4.65
N ARG A 16 -10.63 -2.74 3.48
CA ARG A 16 -11.46 -3.94 3.46
C ARG A 16 -10.72 -5.15 4.01
N LEU A 17 -9.39 -5.13 4.02
CA LEU A 17 -8.60 -6.22 4.54
C LEU A 17 -8.27 -6.07 6.02
N VAL A 18 -7.93 -4.86 6.46
CA VAL A 18 -7.42 -4.69 7.83
C VAL A 18 -8.52 -4.37 8.84
N LEU A 19 -9.59 -3.69 8.42
CA LEU A 19 -10.62 -3.29 9.38
C LEU A 19 -11.37 -4.50 9.94
N PRO A 20 -11.71 -5.51 9.13
CA PRO A 20 -12.29 -6.74 9.71
C PRO A 20 -11.32 -7.52 10.60
N ARG A 21 -10.02 -7.20 10.57
CA ARG A 21 -9.05 -7.87 11.41
C ARG A 21 -8.64 -7.05 12.63
N LEU A 22 -9.06 -5.78 12.72
CA LEU A 22 -8.50 -4.87 13.71
C LEU A 22 -8.81 -5.34 15.13
N GLU A 23 -10.06 -5.69 15.40
CA GLU A 23 -10.45 -6.16 16.73
C GLU A 23 -9.60 -7.34 17.17
N LEU A 24 -9.32 -8.28 16.26
CA LEU A 24 -8.54 -9.45 16.62
C LEU A 24 -7.10 -9.07 16.92
N ARG A 25 -6.51 -8.19 16.12
CA ARG A 25 -5.13 -7.78 16.33
C ARG A 25 -4.97 -7.06 17.67
N ILE A 26 -5.95 -6.24 18.05
CA ILE A 26 -5.90 -5.55 19.34
C ILE A 26 -5.96 -6.56 20.48
N SER A 27 -6.91 -7.50 20.40
CA SER A 27 -7.07 -8.48 21.48
C SER A 27 -5.86 -9.40 21.59
N GLU A 28 -5.08 -9.56 20.52
CA GLU A 28 -3.87 -10.37 20.58
C GLU A 28 -2.70 -9.63 21.21
N SER A 29 -2.81 -8.32 21.41
CA SER A 29 -1.73 -7.53 22.00
C SER A 29 -1.87 -7.56 23.52
N GLU A 30 -0.99 -8.30 24.18
CA GLU A 30 -1.04 -8.36 25.64
C GLU A 30 -0.87 -7.00 26.28
N TYR A 31 -0.05 -6.12 25.69
CA TYR A 31 0.20 -4.82 26.30
C TYR A 31 -0.91 -3.81 25.98
N PHE A 32 -1.52 -3.87 24.80
CA PHE A 32 -2.44 -2.83 24.36
C PHE A 32 -3.91 -3.23 24.45
N ARG A 33 -4.23 -4.50 24.72
CA ARG A 33 -5.62 -4.95 24.59
C ARG A 33 -6.56 -4.21 25.54
N HIS A 34 -6.08 -3.79 26.70
CA HIS A 34 -6.88 -3.05 27.65
C HIS A 34 -6.56 -1.56 27.70
N LYS A 35 -5.59 -1.11 26.91
CA LYS A 35 -5.25 0.30 26.82
C LYS A 35 -5.95 1.02 25.68
N ILE A 36 -6.26 0.31 24.60
CA ILE A 36 -6.98 0.87 23.46
C ILE A 36 -8.46 0.53 23.63
N THR A 37 -9.25 1.54 23.99
CA THR A 37 -10.68 1.35 24.18
C THR A 37 -11.51 1.77 22.97
N ASP A 38 -11.00 2.66 22.13
CA ASP A 38 -11.61 2.96 20.84
C ASP A 38 -10.98 2.04 19.81
N ARG A 39 -11.64 0.91 19.55
CA ARG A 39 -11.08 -0.14 18.69
C ARG A 39 -11.47 0.14 17.24
N LYS A 40 -10.85 1.19 16.71
CA LYS A 40 -11.13 1.67 15.36
C LYS A 40 -9.90 2.38 14.83
N LEU A 41 -9.80 2.45 13.51
CA LEU A 41 -8.71 3.15 12.85
C LEU A 41 -9.11 4.61 12.64
N PHE A 42 -8.34 5.52 13.24
CA PHE A 42 -8.52 6.95 13.02
C PHE A 42 -7.70 7.34 11.79
N ILE A 43 -8.38 7.83 10.76
CA ILE A 43 -7.75 8.11 9.47
C ILE A 43 -7.66 9.63 9.31
N LEU A 44 -6.44 10.15 9.32
CA LEU A 44 -6.21 11.58 9.15
C LEU A 44 -6.24 11.94 7.67
N LEU A 45 -7.03 12.97 7.33
CA LEU A 45 -7.23 13.41 5.95
C LEU A 45 -6.85 14.88 5.85
N PRO A 46 -5.55 15.19 5.73
CA PRO A 46 -5.13 16.58 5.61
C PRO A 46 -5.57 17.18 4.28
N LYS A 47 -6.28 18.32 4.36
CA LYS A 47 -6.89 18.93 3.19
C LYS A 47 -6.02 20.01 2.56
N THR A 48 -5.50 20.94 3.36
CA THR A 48 -4.81 22.11 2.82
C THR A 48 -3.31 21.88 2.67
N CYS A 49 -2.62 21.66 3.78
CA CYS A 49 -1.17 21.52 3.77
C CYS A 49 -0.76 20.15 4.30
N PHE A 50 0.36 19.65 3.79
CA PHE A 50 0.92 18.39 4.25
C PHE A 50 2.40 18.29 3.90
N CYS A 52 4.66 17.01 6.44
CA CYS A 52 5.30 15.80 6.94
C CYS A 52 4.26 14.78 7.43
N ASP A 53 4.60 13.49 7.38
CA ASP A 53 3.69 12.40 7.73
C ASP A 53 4.05 11.76 9.05
N ASP A 54 5.14 12.20 9.69
CA ASP A 54 5.51 11.72 11.02
C ASP A 54 4.56 12.33 12.05
N ILE A 55 3.83 11.49 12.79
CA ILE A 55 2.84 12.05 13.71
C ILE A 55 3.49 12.52 15.00
N GLU A 56 4.45 11.75 15.54
CA GLU A 56 4.90 11.97 16.91
C GLU A 56 5.83 13.17 17.07
N GLN A 57 6.67 13.47 16.07
CA GLN A 57 7.54 14.64 16.16
C GLN A 57 6.79 15.95 15.99
N ALA A 58 5.60 15.91 15.40
CA ALA A 58 4.83 17.14 15.24
C ALA A 58 4.30 17.64 16.58
N ASP A 59 3.84 16.74 17.42
CA ASP A 59 3.23 17.09 18.70
C ASP A 59 4.03 16.43 19.82
N SER A 60 4.50 17.24 20.77
CA SER A 60 5.25 16.72 21.91
C SER A 60 4.37 15.88 22.83
N ARG A 61 3.05 15.91 22.65
CA ARG A 61 2.12 15.11 23.42
C ARG A 61 1.86 13.73 22.82
N VAL A 62 2.24 13.52 21.55
CA VAL A 62 2.01 12.26 20.85
C VAL A 62 3.33 11.52 20.74
N LYS A 63 3.32 10.24 21.09
CA LYS A 63 4.52 9.42 21.04
C LYS A 63 4.15 8.02 20.53
N TRP A 64 4.94 7.54 19.58
CA TRP A 64 4.81 6.15 19.14
C TRP A 64 5.33 5.24 20.23
N VAL A 65 4.50 4.30 20.69
CA VAL A 65 4.85 3.42 21.80
C VAL A 65 4.87 1.96 21.39
N GLY A 66 4.73 1.67 20.10
CA GLY A 66 4.78 0.28 19.65
C GLY A 66 3.78 -0.04 18.56
N ASN A 67 3.78 -1.30 18.13
CA ASN A 67 2.91 -1.76 17.07
C ASN A 67 1.98 -2.85 17.58
N LEU A 68 0.82 -2.96 16.95
CA LEU A 68 -0.03 -4.12 17.13
C LEU A 68 0.60 -5.33 16.45
N PRO A 69 0.14 -6.53 16.78
CA PRO A 69 0.52 -7.70 15.97
C PRO A 69 0.11 -7.48 14.52
N GLU A 70 0.96 -7.95 13.60
CA GLU A 70 0.72 -7.75 12.18
C GLU A 70 -0.32 -8.73 11.65
N SER A 71 -0.99 -8.32 10.58
CA SER A 71 -1.78 -9.22 9.77
C SER A 71 -0.95 -9.66 8.57
N LYS A 72 -1.01 -10.95 8.25
CA LYS A 72 -0.26 -11.52 7.14
C LYS A 72 -1.25 -12.01 6.09
N ILE A 73 -1.13 -11.47 4.87
CA ILE A 73 -2.06 -11.77 3.79
C ILE A 73 -1.27 -12.06 2.53
N ASN A 74 -1.54 -13.20 1.90
CA ASN A 74 -0.97 -13.50 0.59
C ASN A 74 -1.61 -12.59 -0.46
N ARG A 75 -0.80 -11.78 -1.14
CA ARG A 75 -1.37 -10.81 -2.05
C ARG A 75 -0.35 -10.41 -3.11
N GLY A 76 -0.79 -10.36 -4.37
CA GLY A 76 0.03 -9.87 -5.45
C GLY A 76 1.27 -10.68 -5.72
N GLY A 77 1.26 -11.97 -5.36
CA GLY A 77 2.44 -12.80 -5.47
C GLY A 77 3.36 -12.75 -4.27
N ILE A 78 3.10 -11.87 -3.31
CA ILE A 78 3.86 -11.76 -2.09
C ILE A 78 3.13 -12.59 -1.03
N LYS A 79 3.76 -13.68 -0.59
CA LYS A 79 3.19 -14.47 0.50
C LYS A 79 3.46 -13.78 1.82
N GLU A 80 2.43 -13.75 2.68
CA GLU A 80 2.52 -13.16 4.02
C GLU A 80 2.94 -11.71 3.97
N ARG A 81 2.37 -10.94 3.03
CA ARG A 81 2.56 -9.49 3.04
C ARG A 81 2.03 -8.92 4.36
N SER A 82 2.80 -8.00 4.94
CA SER A 82 2.57 -7.55 6.30
C SER A 82 1.73 -6.28 6.32
N TYR A 83 0.60 -6.33 7.04
CA TYR A 83 -0.23 -5.16 7.31
C TYR A 83 -0.26 -4.98 8.82
N LYS A 84 0.38 -3.91 9.30
CA LYS A 84 0.56 -3.71 10.73
C LYS A 84 0.23 -2.26 11.10
N HIS A 85 -0.53 -2.10 12.18
CA HIS A 85 -0.88 -0.79 12.71
C HIS A 85 0.10 -0.39 13.82
N ALA A 86 0.35 0.91 13.91
CA ALA A 86 1.13 1.47 15.00
C ALA A 86 0.20 2.03 16.07
N VAL A 87 0.69 2.05 17.31
CA VAL A 87 -0.06 2.62 18.44
C VAL A 87 0.66 3.87 18.89
N HIS A 88 -0.11 4.95 19.08
CA HIS A 88 0.43 6.21 19.56
C HIS A 88 -0.16 6.53 20.93
N GLU A 89 0.70 6.93 21.85
CA GLU A 89 0.30 7.35 23.19
C GLU A 89 0.16 8.86 23.20
N ILE A 90 -0.97 9.35 23.72
CA ILE A 90 -1.23 10.77 23.84
C ILE A 90 -1.28 11.11 25.33
N VAL A 91 -0.37 11.96 25.78
CA VAL A 91 -0.37 12.50 27.13
C VAL A 91 -0.87 13.93 27.03
N MET A 92 -2.13 14.14 27.41
CA MET A 92 -2.81 15.40 27.18
C MET A 92 -2.80 16.24 28.45
N PRO A 93 -2.09 17.37 28.47
CA PRO A 93 -2.21 18.28 29.62
C PRO A 93 -3.60 18.89 29.67
N PHE A 94 -4.16 18.98 30.88
CA PHE A 94 -5.46 19.58 31.09
C PHE A 94 -5.32 20.95 31.74
N PRO A 95 -6.29 21.85 31.54
CA PRO A 95 -6.13 23.22 32.06
C PRO A 95 -5.93 23.30 33.56
N ASP A 96 -6.45 22.36 34.33
CA ASP A 96 -6.29 22.38 35.78
C ASP A 96 -4.94 21.83 36.25
N GLY A 97 -4.01 21.58 35.33
CA GLY A 97 -2.71 21.07 35.68
C GLY A 97 -2.56 19.56 35.62
N THR A 98 -3.66 18.82 35.49
CA THR A 98 -3.59 17.37 35.41
C THR A 98 -3.20 16.92 34.01
N GLU A 99 -2.83 15.64 33.91
CA GLU A 99 -2.53 15.00 32.64
C GLU A 99 -3.37 13.73 32.52
N GLU A 100 -3.83 13.45 31.31
CA GLU A 100 -4.55 12.22 31.02
C GLU A 100 -3.88 11.52 29.85
N LYS A 101 -3.83 10.19 29.90
CA LYS A 101 -3.12 9.39 28.93
C LYS A 101 -4.10 8.60 28.07
N TYR A 102 -3.90 8.63 26.76
CA TYR A 102 -4.75 7.94 25.79
C TYR A 102 -3.88 7.12 24.85
N HIS A 103 -4.48 6.12 24.22
CA HIS A 103 -3.82 5.31 23.21
C HIS A 103 -4.71 5.18 21.99
N PHE A 104 -4.17 5.51 20.82
CA PHE A 104 -4.93 5.54 19.59
C PHE A 104 -4.21 4.78 18.49
N ILE A 105 -5.01 4.17 17.61
CA ILE A 105 -4.53 3.64 16.34
C ILE A 105 -4.87 4.70 15.30
N VAL A 106 -3.89 5.49 14.91
CA VAL A 106 -4.09 6.63 14.02
C VAL A 106 -3.04 6.58 12.92
N GLU A 107 -3.44 6.91 11.70
CA GLU A 107 -2.51 6.98 10.59
C GLU A 107 -3.09 7.88 9.52
N TYR A 108 -2.20 8.40 8.67
CA TYR A 108 -2.63 9.21 7.54
C TYR A 108 -3.15 8.33 6.42
N ALA A 109 -4.11 8.88 5.66
CA ALA A 109 -4.53 8.23 4.42
C ALA A 109 -3.39 8.35 3.42
N THR A 110 -2.65 7.25 3.23
N THR A 110 -2.65 7.25 3.23
CA THR A 110 -1.47 7.28 2.37
CA THR A 110 -1.47 7.28 2.37
C THR A 110 -1.75 7.73 0.94
C THR A 110 -1.75 7.72 0.93
N PRO A 111 -2.89 7.39 0.30
CA PRO A 111 -3.11 7.89 -1.08
C PRO A 111 -3.03 9.41 -1.20
N LEU A 112 -3.34 10.16 -0.14
CA LEU A 112 -3.20 11.61 -0.20
C LEU A 112 -1.74 12.03 -0.34
N MET A 113 -0.81 11.23 0.20
CA MET A 113 0.60 11.55 0.05
C MET A 113 1.02 11.60 -1.42
N SER A 114 0.51 10.67 -2.23
CA SER A 114 0.83 10.68 -3.65
C SER A 114 0.19 11.87 -4.36
N LEU A 115 -0.97 12.34 -3.88
CA LEU A 115 -1.58 13.53 -4.47
C LEU A 115 -0.71 14.76 -4.23
N TYR A 116 -0.18 14.91 -3.02
CA TYR A 116 0.73 16.02 -2.75
C TYR A 116 2.04 15.84 -3.52
N ASP A 117 2.49 14.59 -3.68
CA ASP A 117 3.68 14.33 -4.48
C ASP A 117 3.45 14.64 -5.96
N MET A 118 2.23 14.40 -6.45
CA MET A 118 1.92 14.69 -7.85
C MET A 118 2.00 16.17 -8.16
N SER A 119 1.88 17.04 -7.15
CA SER A 119 1.90 18.47 -7.36
C SER A 119 3.24 19.12 -7.05
N ARG A 120 3.88 18.75 -5.95
CA ARG A 120 5.12 19.42 -5.55
C ARG A 120 6.32 19.03 -6.41
N PHE A 121 6.20 18.02 -7.26
CA PHE A 121 7.27 17.67 -8.18
C PHE A 121 6.85 17.93 -9.63
N GLN A 125 2.35 17.02 -12.51
CA GLN A 125 1.47 17.74 -13.43
C GLN A 125 0.09 17.94 -12.81
N LEU A 126 0.08 18.65 -11.69
CA LEU A 126 -1.14 18.91 -10.94
C LEU A 126 -0.95 20.21 -10.16
N THR A 127 -1.79 21.20 -10.44
CA THR A 127 -1.67 22.47 -9.76
C THR A 127 -2.15 22.36 -8.31
N GLY A 128 -1.87 23.41 -7.54
CA GLY A 128 -2.24 23.40 -6.13
C GLY A 128 -3.73 23.37 -5.92
N SER A 129 -4.48 24.18 -6.69
CA SER A 129 -5.93 24.18 -6.57
C SER A 129 -6.54 22.88 -7.12
N GLU A 130 -5.92 22.29 -8.14
CA GLU A 130 -6.40 21.01 -8.64
C GLU A 130 -6.16 19.90 -7.61
N ARG A 131 -5.05 19.97 -6.88
CA ARG A 131 -4.81 19.01 -5.81
C ARG A 131 -5.84 19.15 -4.71
N ASP A 132 -6.15 20.38 -4.31
CA ASP A 132 -7.11 20.62 -3.24
C ASP A 132 -8.49 20.07 -3.60
N HIS A 133 -8.87 20.17 -4.88
CA HIS A 133 -10.16 19.63 -5.30
C HIS A 133 -10.14 18.11 -5.31
N GLN A 134 -9.05 17.51 -5.82
CA GLN A 134 -8.95 16.06 -5.80
C GLN A 134 -8.93 15.51 -4.39
N VAL A 135 -8.32 16.22 -3.44
CA VAL A 135 -8.34 15.78 -2.05
C VAL A 135 -9.77 15.78 -1.53
N VAL A 136 -10.55 16.82 -1.86
CA VAL A 136 -11.93 16.89 -1.43
C VAL A 136 -12.74 15.73 -2.01
N LEU A 137 -12.51 15.42 -3.29
CA LEU A 137 -13.23 14.32 -3.92
C LEU A 137 -12.84 12.97 -3.32
N PHE A 138 -11.57 12.82 -2.94
CA PHE A 138 -11.14 11.58 -2.28
C PHE A 138 -11.90 11.37 -0.98
N ILE A 139 -12.00 12.42 -0.16
CA ILE A 139 -12.67 12.30 1.13
C ILE A 139 -14.15 11.97 0.95
N ARG A 140 -14.81 12.65 0.00
CA ARG A 140 -16.23 12.38 -0.24
C ARG A 140 -16.44 10.94 -0.70
N LYS A 141 -15.63 10.48 -1.66
CA LYS A 141 -15.79 9.13 -2.17
C LYS A 141 -15.47 8.09 -1.10
N LEU A 142 -14.40 8.31 -0.33
CA LEU A 142 -14.06 7.37 0.73
C LEU A 142 -15.13 7.31 1.80
N THR A 143 -15.72 8.46 2.14
CA THR A 143 -16.82 8.47 3.10
C THR A 143 -18.00 7.66 2.59
N GLU A 144 -18.32 7.78 1.29
CA GLU A 144 -19.42 7.01 0.73
C GLU A 144 -19.11 5.52 0.70
N ILE A 145 -17.88 5.16 0.30
CA ILE A 145 -17.51 3.74 0.21
C ILE A 145 -17.61 3.08 1.57
N LEU A 146 -17.05 3.71 2.60
CA LEU A 146 -17.04 3.10 3.93
C LEU A 146 -18.42 3.11 4.56
N GLY A 147 -19.27 4.07 4.19
CA GLY A 147 -20.61 4.11 4.73
C GLY A 147 -21.48 2.94 4.28
N LYS A 148 -21.17 2.37 3.12
CA LYS A 148 -21.91 1.21 2.61
C LYS A 148 -21.22 -0.11 2.88
N SER A 149 -20.05 -0.10 3.52
CA SER A 149 -19.27 -1.32 3.75
C SER A 149 -19.67 -1.92 5.10
N GLU A 150 -20.24 -3.13 5.06
CA GLU A 150 -20.67 -3.77 6.29
C GLU A 150 -19.50 -4.28 7.11
N GLU A 151 -18.43 -4.74 6.46
CA GLU A 151 -17.31 -5.29 7.20
C GLU A 151 -16.41 -4.22 7.80
N CYS A 152 -16.63 -2.96 7.50
CA CYS A 152 -15.89 -1.85 8.08
C CYS A 152 -16.69 -1.07 9.11
N LYS A 153 -17.96 -1.41 9.32
CA LYS A 153 -18.83 -0.61 10.18
C LYS A 153 -18.35 -0.66 11.63
N GLY A 154 -18.26 0.51 12.25
CA GLY A 154 -17.79 0.61 13.62
C GLY A 154 -16.30 0.50 13.80
N ARG A 155 -15.53 0.48 12.72
CA ARG A 155 -14.09 0.21 12.79
C ARG A 155 -13.23 1.37 12.30
N TYR A 156 -13.82 2.53 12.03
CA TYR A 156 -13.04 3.62 11.45
C TYR A 156 -13.62 4.96 11.89
N GLU A 157 -12.77 5.98 11.83
CA GLU A 157 -13.17 7.37 12.00
C GLU A 157 -12.39 8.19 10.97
N LEU A 158 -13.11 8.90 10.11
CA LEU A 158 -12.48 9.78 9.13
C LEU A 158 -12.30 11.16 9.73
N ILE A 159 -11.09 11.71 9.61
CA ILE A 159 -10.76 12.98 10.25
C ILE A 159 -10.24 13.96 9.20
N PRO A 160 -11.12 14.68 8.50
CA PRO A 160 -10.65 15.77 7.64
C PRO A 160 -10.21 16.95 8.48
N PHE A 161 -9.07 17.53 8.11
CA PHE A 161 -8.54 18.70 8.81
C PHE A 161 -7.59 19.42 7.86
N SER A 162 -7.17 20.63 8.27
CA SER A 162 -6.35 21.47 7.41
C SER A 162 -5.01 20.81 7.12
N GLY A 163 -4.27 20.43 8.15
CA GLY A 163 -2.97 19.81 7.99
C GLY A 163 -1.81 20.78 8.15
N ASP A 166 -2.66 23.02 12.34
CA ASP A 166 -3.40 21.95 13.00
C ASP A 166 -2.58 20.66 13.03
N LYS A 167 -1.36 20.74 12.48
CA LYS A 167 -0.43 19.62 12.56
C LYS A 167 -0.15 19.25 14.01
N ASN A 168 0.04 20.25 14.87
CA ASN A 168 0.22 20.06 16.30
C ASN A 168 -1.11 20.08 17.06
N LYS A 169 -2.23 19.89 16.36
CA LYS A 169 -3.55 19.83 16.97
C LYS A 169 -4.19 18.46 16.83
N ILE A 170 -3.47 17.47 16.29
CA ILE A 170 -4.03 16.14 16.11
C ILE A 170 -4.41 15.53 17.45
N ALA A 171 -3.57 15.71 18.47
CA ALA A 171 -3.88 15.18 19.80
C ALA A 171 -5.17 15.78 20.35
N ASP A 172 -5.38 17.08 20.13
CA ASP A 172 -6.63 17.70 20.56
C ASP A 172 -7.82 17.09 19.82
N ILE A 173 -7.66 16.86 18.52
CA ILE A 173 -8.75 16.30 17.72
C ILE A 173 -9.08 14.88 18.16
N LEU A 174 -8.06 14.06 18.41
CA LEU A 174 -8.28 12.66 18.76
C LEU A 174 -8.98 12.54 20.11
N VAL A 175 -8.50 13.27 21.11
CA VAL A 175 -9.10 13.19 22.45
C VAL A 175 -10.54 13.69 22.41
N ALA A 176 -10.80 14.75 21.64
CA ALA A 176 -12.17 15.23 21.50
C ALA A 176 -13.06 14.19 20.84
N LEU A 177 -12.55 13.51 19.81
CA LEU A 177 -13.34 12.48 19.14
C LEU A 177 -13.60 11.29 20.05
N HIS A 178 -12.64 10.94 20.91
CA HIS A 178 -12.86 9.87 21.86
C HIS A 178 -14.00 10.19 22.81
N ASN A 179 -14.07 11.45 23.27
CA ASN A 179 -15.15 11.90 24.14
C ASN A 179 -16.40 12.28 23.36
N ASN A 180 -16.47 11.94 22.07
CA ASN A 180 -17.63 12.21 21.22
C ASN A 180 -17.96 13.70 21.18
N ALA A 181 -16.92 14.53 21.16
CA ALA A 181 -17.11 15.98 21.08
C ALA A 181 -16.93 16.45 19.64
N ASN B 1 -8.07 10.43 -15.65
CA ASN B 1 -8.24 8.99 -15.73
C ASN B 1 -8.02 8.31 -14.38
N VAL B 2 -8.74 7.21 -14.15
CA VAL B 2 -8.51 6.40 -12.96
C VAL B 2 -7.11 5.81 -12.99
N ALA B 3 -6.66 5.37 -14.17
CA ALA B 3 -5.37 4.70 -14.27
C ALA B 3 -4.20 5.65 -14.03
N ASP B 4 -4.35 6.93 -14.38
CA ASP B 4 -3.26 7.87 -14.18
C ASP B 4 -2.99 8.10 -12.70
N GLY B 5 -4.06 8.16 -11.89
CA GLY B 5 -3.87 8.29 -10.45
C GLY B 5 -3.25 7.06 -9.82
N LEU B 6 -3.69 5.87 -10.27
CA LEU B 6 -3.10 4.63 -9.77
C LEU B 6 -1.64 4.48 -10.17
N ALA B 7 -1.28 5.00 -11.34
CA ALA B 7 0.11 4.86 -11.81
C ALA B 7 1.05 5.77 -11.04
N TRP B 8 0.68 7.04 -10.90
CA TRP B 8 1.52 7.97 -10.13
C TRP B 8 1.66 7.52 -8.69
N SER B 9 0.57 7.05 -8.09
CA SER B 9 0.64 6.57 -6.70
C SER B 9 1.50 5.32 -6.61
N TYR B 10 1.44 4.45 -7.62
CA TYR B 10 2.29 3.26 -7.64
C TYR B 10 3.76 3.64 -7.70
N TYR B 11 4.09 4.78 -8.33
CA TYR B 11 5.47 5.23 -8.37
C TYR B 11 5.87 5.93 -7.08
N PHE B 12 5.19 7.02 -6.73
CA PHE B 12 5.57 7.81 -5.56
C PHE B 12 5.43 6.98 -4.27
N GLY B 13 4.41 6.14 -4.20
CA GLY B 13 4.13 5.42 -2.98
C GLY B 13 4.70 4.02 -2.88
N TYR B 14 5.45 3.55 -3.88
CA TYR B 14 6.01 2.21 -3.82
C TYR B 14 7.33 2.09 -4.54
N LEU B 15 7.31 2.16 -5.88
CA LEU B 15 8.52 1.89 -6.66
C LEU B 15 9.64 2.87 -6.33
N ARG B 16 9.31 4.15 -6.18
CA ARG B 16 10.31 5.13 -5.76
C ARG B 16 10.90 4.80 -4.40
N LEU B 17 10.16 4.10 -3.55
CA LEU B 17 10.64 3.72 -2.22
C LEU B 17 11.48 2.46 -2.24
N VAL B 18 11.06 1.43 -2.97
CA VAL B 18 11.64 0.10 -2.81
C VAL B 18 12.75 -0.17 -3.82
N LEU B 19 12.64 0.39 -5.02
CA LEU B 19 13.65 0.11 -6.04
C LEU B 19 15.03 0.62 -5.68
N PRO B 20 15.22 1.83 -5.11
CA PRO B 20 16.56 2.20 -4.64
C PRO B 20 17.06 1.34 -3.49
N ARG B 21 16.17 0.63 -2.80
CA ARG B 21 16.55 -0.25 -1.71
C ARG B 21 16.76 -1.70 -2.14
N LEU B 22 16.43 -2.04 -3.38
CA LEU B 22 16.37 -3.44 -3.79
C LEU B 22 17.73 -4.11 -3.71
N GLU B 23 18.77 -3.47 -4.24
CA GLU B 23 20.09 -4.10 -4.25
C GLU B 23 20.61 -4.31 -2.83
N LEU B 24 20.31 -3.39 -1.91
CA LEU B 24 20.71 -3.56 -0.52
C LEU B 24 19.95 -4.70 0.14
N ARG B 25 18.64 -4.79 -0.12
CA ARG B 25 17.83 -5.86 0.45
C ARG B 25 18.29 -7.23 -0.07
N ILE B 26 18.71 -7.31 -1.33
CA ILE B 26 19.23 -8.56 -1.87
C ILE B 26 20.51 -8.95 -1.14
N SER B 27 21.44 -7.99 -0.99
CA SER B 27 22.72 -8.29 -0.38
C SER B 27 22.60 -8.70 1.09
N GLU B 28 21.49 -8.33 1.75
CA GLU B 28 21.24 -8.76 3.11
C GLU B 28 20.61 -10.14 3.21
N SER B 29 20.21 -10.73 2.08
CA SER B 29 19.57 -12.04 2.07
C SER B 29 20.65 -13.11 1.96
N GLU B 30 21.06 -13.67 3.10
CA GLU B 30 22.04 -14.74 3.07
C GLU B 30 21.59 -15.93 2.24
N TYR B 31 20.28 -16.18 2.19
CA TYR B 31 19.78 -17.33 1.46
C TYR B 31 19.71 -17.08 -0.04
N PHE B 32 19.37 -15.85 -0.46
CA PHE B 32 19.07 -15.60 -1.85
C PHE B 32 20.10 -14.77 -2.61
N ARG B 33 20.99 -14.04 -1.91
CA ARG B 33 21.85 -13.09 -2.60
C ARG B 33 22.73 -13.76 -3.65
N HIS B 34 23.17 -14.98 -3.39
CA HIS B 34 23.99 -15.70 -4.37
C HIS B 34 23.16 -16.55 -5.31
N LYS B 35 21.85 -16.66 -5.08
CA LYS B 35 20.96 -17.44 -5.94
C LYS B 35 20.20 -16.59 -6.95
N ILE B 36 19.95 -15.32 -6.65
CA ILE B 36 19.10 -14.49 -7.49
C ILE B 36 19.70 -14.41 -8.89
N THR B 37 18.91 -14.83 -9.88
CA THR B 37 19.41 -14.87 -11.27
C THR B 37 19.58 -13.46 -11.83
N ASP B 38 18.65 -12.56 -11.51
CA ASP B 38 18.69 -11.19 -12.02
C ASP B 38 18.23 -10.23 -10.94
N ARG B 39 18.99 -9.15 -10.74
CA ARG B 39 18.78 -8.25 -9.62
C ARG B 39 17.76 -7.15 -9.89
N LYS B 40 16.75 -7.43 -10.71
CA LYS B 40 15.70 -6.46 -10.99
C LYS B 40 14.36 -6.98 -10.48
N LEU B 41 13.44 -6.05 -10.27
CA LEU B 41 12.07 -6.40 -9.93
C LEU B 41 11.28 -6.60 -11.23
N PHE B 42 10.78 -7.81 -11.43
CA PHE B 42 9.93 -8.11 -12.59
C PHE B 42 8.49 -7.89 -12.18
N ILE B 43 7.84 -6.91 -12.81
CA ILE B 43 6.47 -6.52 -12.47
C ILE B 43 5.54 -7.08 -13.53
N LEU B 44 4.70 -8.05 -13.13
CA LEU B 44 3.75 -8.66 -14.05
C LEU B 44 2.56 -7.74 -14.25
N LEU B 45 2.15 -7.57 -15.50
CA LEU B 45 1.06 -6.66 -15.88
C LEU B 45 0.09 -7.41 -16.78
N PRO B 46 -0.75 -8.28 -16.21
CA PRO B 46 -1.74 -8.98 -17.03
C PRO B 46 -2.84 -8.04 -17.49
N LYS B 47 -3.27 -8.22 -18.74
CA LYS B 47 -4.26 -7.34 -19.32
C LYS B 47 -5.69 -7.84 -19.20
N THR B 48 -5.89 -9.15 -19.01
CA THR B 48 -7.23 -9.72 -18.93
C THR B 48 -7.36 -10.79 -17.86
N CYS B 49 -6.44 -10.86 -16.90
CA CYS B 49 -6.44 -11.95 -15.92
C CYS B 49 -7.17 -11.57 -14.65
N PHE B 50 -6.73 -12.13 -13.53
CA PHE B 50 -7.33 -11.90 -12.21
C PHE B 50 -8.81 -12.27 -12.20
N ASP B 53 -4.47 -14.04 -7.71
CA ASP B 53 -3.22 -13.27 -7.77
C ASP B 53 -2.04 -14.14 -7.35
N ASP B 54 -2.24 -15.45 -7.38
CA ASP B 54 -1.17 -16.40 -7.12
C ASP B 54 -0.46 -16.72 -8.44
N ILE B 55 0.85 -16.47 -8.49
CA ILE B 55 1.59 -16.63 -9.73
C ILE B 55 1.64 -18.10 -10.13
N GLU B 56 1.70 -19.02 -9.16
CA GLU B 56 1.73 -20.44 -9.48
C GLU B 56 0.46 -20.88 -10.21
N GLN B 57 -0.67 -20.22 -9.94
CA GLN B 57 -1.90 -20.53 -10.64
C GLN B 57 -1.93 -19.98 -12.06
N ALA B 58 -1.05 -19.03 -12.38
CA ALA B 58 -0.92 -18.53 -13.74
C ALA B 58 0.08 -19.34 -14.56
N ASP B 59 1.08 -19.93 -13.91
CA ASP B 59 2.07 -20.77 -14.59
C ASP B 59 2.61 -21.74 -13.55
N SER B 60 2.37 -23.04 -13.76
CA SER B 60 2.76 -24.05 -12.80
C SER B 60 4.28 -24.18 -12.64
N ARG B 61 5.05 -23.65 -13.59
CA ARG B 61 6.50 -23.72 -13.52
C ARG B 61 7.11 -22.65 -12.61
N VAL B 62 6.29 -21.75 -12.08
CA VAL B 62 6.75 -20.66 -11.21
C VAL B 62 6.13 -20.86 -9.84
N LYS B 63 6.96 -20.93 -8.81
CA LYS B 63 6.46 -21.10 -7.46
C LYS B 63 7.23 -20.22 -6.49
N TRP B 64 6.51 -19.68 -5.52
CA TRP B 64 7.12 -18.89 -4.44
C TRP B 64 7.99 -19.80 -3.58
N VAL B 65 9.17 -19.29 -3.20
CA VAL B 65 10.10 -20.08 -2.39
C VAL B 65 10.61 -19.28 -1.20
N GLY B 66 10.38 -17.97 -1.21
CA GLY B 66 10.81 -17.15 -0.09
C GLY B 66 10.69 -15.68 -0.40
N ASN B 67 10.78 -14.88 0.65
CA ASN B 67 10.77 -13.43 0.55
C ASN B 67 12.16 -12.88 0.86
N LEU B 68 12.47 -11.75 0.25
CA LEU B 68 13.67 -11.01 0.60
C LEU B 68 13.47 -10.34 1.97
N PRO B 69 14.56 -9.92 2.61
CA PRO B 69 14.42 -9.11 3.83
C PRO B 69 13.59 -7.87 3.55
N GLU B 70 12.77 -7.50 4.53
CA GLU B 70 11.86 -6.39 4.35
C GLU B 70 12.58 -5.06 4.52
N SER B 71 12.03 -4.03 3.87
CA SER B 71 12.39 -2.65 4.17
C SER B 71 11.40 -2.11 5.19
N LYS B 72 11.91 -1.47 6.24
CA LYS B 72 11.09 -0.84 7.25
C LYS B 72 11.18 0.67 7.06
N ILE B 73 10.06 1.27 6.66
CA ILE B 73 10.02 2.68 6.26
C ILE B 73 9.00 3.40 7.12
N ASN B 74 9.42 4.54 7.70
CA ASN B 74 8.52 5.43 8.41
C ASN B 74 7.66 6.18 7.41
N ARG B 75 6.38 5.84 7.34
CA ARG B 75 5.50 6.45 6.35
C ARG B 75 4.06 6.46 6.84
N GLY B 76 3.39 7.60 6.69
CA GLY B 76 1.98 7.71 7.01
C GLY B 76 1.64 7.55 8.48
N GLY B 77 2.57 7.89 9.37
CA GLY B 77 2.36 7.67 10.78
C GLY B 77 2.69 6.27 11.25
N ILE B 78 3.01 5.36 10.35
CA ILE B 78 3.41 4.01 10.70
C ILE B 78 4.93 3.97 10.78
N LYS B 79 5.45 3.64 11.96
CA LYS B 79 6.89 3.75 12.19
C LYS B 79 7.68 2.80 11.31
N GLU B 80 7.29 1.53 11.25
CA GLU B 80 8.06 0.51 10.55
C GLU B 80 7.15 -0.28 9.61
N ARG B 81 6.55 0.42 8.65
CA ARG B 81 5.74 -0.25 7.65
C ARG B 81 6.62 -1.13 6.78
N SER B 82 6.11 -2.33 6.47
CA SER B 82 6.89 -3.36 5.81
C SER B 82 6.69 -3.31 4.30
N TYR B 83 7.80 -3.24 3.57
CA TYR B 83 7.83 -3.37 2.11
C TYR B 83 8.80 -4.50 1.80
N LYS B 84 8.30 -5.63 1.32
CA LYS B 84 9.16 -6.76 1.01
C LYS B 84 8.75 -7.39 -0.31
N HIS B 85 9.73 -7.94 -1.01
CA HIS B 85 9.53 -8.63 -2.27
C HIS B 85 9.61 -10.15 -2.06
N ALA B 86 9.07 -10.88 -3.04
CA ALA B 86 9.04 -12.33 -3.01
C ALA B 86 9.95 -12.88 -4.11
N VAL B 87 10.66 -13.97 -3.79
CA VAL B 87 11.50 -14.67 -4.75
C VAL B 87 10.74 -15.90 -5.24
N HIS B 88 10.66 -16.06 -6.56
CA HIS B 88 9.97 -17.19 -7.18
C HIS B 88 10.97 -18.02 -7.96
N GLU B 89 10.82 -19.34 -7.86
CA GLU B 89 11.67 -20.29 -8.56
C GLU B 89 10.99 -20.72 -9.85
N ILE B 90 11.73 -20.67 -10.96
CA ILE B 90 11.24 -21.08 -12.26
C ILE B 90 11.96 -22.36 -12.65
N VAL B 91 11.20 -23.40 -12.97
CA VAL B 91 11.74 -24.68 -13.41
C VAL B 91 11.28 -24.89 -14.85
N MET B 92 12.23 -24.94 -15.78
CA MET B 92 11.92 -25.08 -17.20
C MET B 92 12.20 -26.52 -17.64
N PRO B 93 11.17 -27.32 -17.89
CA PRO B 93 11.42 -28.66 -18.44
C PRO B 93 11.87 -28.59 -19.89
N PHE B 94 12.73 -29.54 -20.28
CA PHE B 94 13.38 -29.50 -21.59
C PHE B 94 13.09 -30.77 -22.38
N PRO B 95 13.39 -30.80 -23.68
CA PRO B 95 13.23 -32.06 -24.44
C PRO B 95 14.07 -33.20 -23.91
N ASP B 96 15.24 -32.91 -23.33
CA ASP B 96 16.08 -33.96 -22.76
C ASP B 96 15.36 -34.74 -21.67
N GLY B 97 14.27 -34.20 -21.13
CA GLY B 97 13.73 -34.67 -19.88
C GLY B 97 14.34 -33.99 -18.67
N THR B 98 15.32 -33.12 -18.88
CA THR B 98 16.01 -32.41 -17.82
C THR B 98 15.31 -31.08 -17.52
N GLU B 99 15.77 -30.42 -16.46
CA GLU B 99 15.25 -29.13 -16.05
C GLU B 99 16.40 -28.18 -15.76
N GLU B 100 16.07 -26.89 -15.67
CA GLU B 100 17.02 -25.90 -15.18
C GLU B 100 16.24 -24.88 -14.38
N LYS B 101 16.76 -24.53 -13.20
CA LYS B 101 16.05 -23.68 -12.26
C LYS B 101 16.60 -22.26 -12.30
N TYR B 102 15.71 -21.30 -12.08
CA TYR B 102 16.04 -19.90 -11.97
C TYR B 102 15.34 -19.31 -10.76
N HIS B 103 15.86 -18.19 -10.27
CA HIS B 103 15.26 -17.45 -9.17
C HIS B 103 15.11 -16.00 -9.57
N PHE B 104 13.86 -15.52 -9.60
CA PHE B 104 13.56 -14.16 -9.98
C PHE B 104 12.75 -13.47 -8.89
N ILE B 105 12.96 -12.17 -8.76
CA ILE B 105 12.14 -11.33 -7.91
C ILE B 105 11.00 -10.81 -8.78
N VAL B 106 9.80 -11.34 -8.55
CA VAL B 106 8.67 -11.07 -9.44
C VAL B 106 7.40 -10.93 -8.59
N GLU B 107 6.54 -10.01 -9.00
CA GLU B 107 5.29 -9.76 -8.29
C GLU B 107 4.31 -9.13 -9.27
N TYR B 108 3.02 -9.24 -8.93
CA TYR B 108 1.99 -8.59 -9.72
C TYR B 108 1.93 -7.10 -9.38
N ALA B 109 1.56 -6.30 -10.39
CA ALA B 109 1.23 -4.91 -10.15
C ALA B 109 -0.07 -4.84 -9.34
N THR B 110 0.04 -4.43 -8.08
N THR B 110 0.03 -4.42 -8.09
CA THR B 110 -1.10 -4.42 -7.18
CA THR B 110 -1.12 -4.43 -7.20
C THR B 110 -2.24 -3.51 -7.63
C THR B 110 -2.26 -3.52 -7.64
N PRO B 111 -2.00 -2.31 -8.20
CA PRO B 111 -3.15 -1.49 -8.64
C PRO B 111 -4.04 -2.16 -9.67
N LEU B 112 -3.51 -3.09 -10.47
CA LEU B 112 -4.36 -3.82 -11.41
C LEU B 112 -5.38 -4.69 -10.69
N MET B 113 -5.05 -5.16 -9.49
CA MET B 113 -6.00 -5.94 -8.72
C MET B 113 -7.17 -5.08 -8.24
N SER B 114 -6.91 -3.81 -7.93
CA SER B 114 -7.99 -2.91 -7.54
C SER B 114 -8.88 -2.58 -8.73
N LEU B 115 -8.29 -2.44 -9.92
CA LEU B 115 -9.09 -2.22 -11.13
C LEU B 115 -10.04 -3.39 -11.38
N TYR B 116 -9.56 -4.62 -11.18
CA TYR B 116 -10.43 -5.78 -11.32
C TYR B 116 -11.52 -5.77 -10.26
N ASP B 117 -11.18 -5.40 -9.02
CA ASP B 117 -12.18 -5.32 -7.97
C ASP B 117 -13.21 -4.23 -8.25
N MET B 118 -12.78 -3.14 -8.89
CA MET B 118 -13.72 -2.07 -9.25
C MET B 118 -14.72 -2.51 -10.30
N SER B 119 -14.39 -3.53 -11.10
CA SER B 119 -15.30 -4.00 -12.14
C SER B 119 -16.34 -4.98 -11.61
N ARG B 120 -16.15 -5.51 -10.41
CA ARG B 120 -17.07 -6.48 -9.82
C ARG B 120 -18.06 -5.83 -8.86
N PHE B 121 -18.06 -4.50 -8.77
CA PHE B 121 -19.01 -3.77 -7.92
C PHE B 121 -19.48 -2.54 -8.67
N THR B 122 -20.78 -2.50 -8.96
CA THR B 122 -21.33 -1.45 -9.81
C THR B 122 -21.23 -0.06 -9.19
N ASP B 123 -21.10 0.02 -7.86
CA ASP B 123 -20.90 1.33 -7.23
C ASP B 123 -19.56 1.94 -7.59
N ALA B 124 -18.60 1.13 -8.06
CA ALA B 124 -17.31 1.64 -8.50
C ALA B 124 -17.35 2.20 -9.91
N GLN B 125 -18.45 2.01 -10.64
CA GLN B 125 -18.65 2.61 -11.96
C GLN B 125 -17.53 2.22 -12.93
N LEU B 126 -17.30 0.91 -13.06
CA LEU B 126 -16.30 0.38 -13.97
C LEU B 126 -16.84 -0.90 -14.59
N THR B 127 -17.23 -0.84 -15.85
CA THR B 127 -17.62 -2.06 -16.54
C THR B 127 -16.39 -2.88 -16.92
N GLY B 128 -16.63 -4.14 -17.29
CA GLY B 128 -15.54 -4.99 -17.72
C GLY B 128 -14.79 -4.42 -18.91
N SER B 129 -15.52 -3.81 -19.85
CA SER B 129 -14.89 -3.20 -21.01
C SER B 129 -14.06 -1.99 -20.61
N GLU B 130 -14.60 -1.14 -19.74
CA GLU B 130 -13.85 0.04 -19.29
C GLU B 130 -12.64 -0.35 -18.45
N ARG B 131 -12.75 -1.43 -17.68
CA ARG B 131 -11.62 -1.89 -16.88
C ARG B 131 -10.45 -2.30 -17.77
N ASP B 132 -10.73 -3.08 -18.81
CA ASP B 132 -9.67 -3.52 -19.72
C ASP B 132 -8.98 -2.34 -20.39
N HIS B 133 -9.72 -1.27 -20.66
CA HIS B 133 -9.11 -0.07 -21.22
C HIS B 133 -8.24 0.64 -20.19
N GLN B 134 -8.72 0.73 -18.94
CA GLN B 134 -7.95 1.39 -17.90
C GLN B 134 -6.68 0.63 -17.56
N VAL B 135 -6.71 -0.70 -17.70
CA VAL B 135 -5.50 -1.49 -17.50
C VAL B 135 -4.44 -1.11 -18.52
N VAL B 136 -4.84 -0.95 -19.78
CA VAL B 136 -3.90 -0.55 -20.82
C VAL B 136 -3.36 0.85 -20.55
N LEU B 137 -4.24 1.77 -20.14
CA LEU B 137 -3.78 3.13 -19.81
C LEU B 137 -2.82 3.12 -18.63
N PHE B 138 -3.03 2.23 -17.67
CA PHE B 138 -2.13 2.13 -16.52
C PHE B 138 -0.75 1.66 -16.96
N ILE B 139 -0.68 0.67 -17.83
CA ILE B 139 0.59 0.15 -18.29
C ILE B 139 1.37 1.22 -19.05
N ARG B 140 0.67 2.01 -19.86
CA ARG B 140 1.34 3.03 -20.66
C ARG B 140 1.85 4.18 -19.80
N LYS B 141 1.03 4.63 -18.84
CA LYS B 141 1.47 5.72 -17.97
C LYS B 141 2.61 5.29 -17.07
N LEU B 142 2.52 4.09 -16.50
CA LEU B 142 3.61 3.58 -15.66
C LEU B 142 4.89 3.41 -16.47
N THR B 143 4.78 3.04 -17.74
CA THR B 143 5.96 2.86 -18.58
C THR B 143 6.69 4.19 -18.80
N GLU B 144 5.94 5.26 -19.07
CA GLU B 144 6.59 6.55 -19.32
C GLU B 144 7.08 7.19 -18.02
N ILE B 145 6.46 6.86 -16.88
CA ILE B 145 6.93 7.39 -15.61
C ILE B 145 8.27 6.77 -15.23
N LEU B 146 8.37 5.45 -15.32
CA LEU B 146 9.61 4.77 -14.96
C LEU B 146 10.72 5.06 -15.96
N GLY B 147 10.36 5.33 -17.22
CA GLY B 147 11.36 5.66 -18.22
C GLY B 147 12.09 6.96 -17.97
N LYS B 148 11.51 7.84 -17.16
CA LYS B 148 12.12 9.12 -16.83
C LYS B 148 12.49 9.20 -15.36
N SER B 149 12.72 8.05 -14.72
CA SER B 149 13.06 7.98 -13.31
C SER B 149 14.55 7.76 -13.13
N GLU B 150 15.15 8.52 -12.22
CA GLU B 150 16.58 8.40 -11.97
C GLU B 150 16.90 7.28 -10.99
N GLU B 151 16.24 7.30 -9.83
CA GLU B 151 16.56 6.33 -8.78
C GLU B 151 16.13 4.91 -9.13
N CYS B 152 15.17 4.74 -10.03
CA CYS B 152 14.69 3.43 -10.43
C CYS B 152 15.36 2.89 -11.68
N LYS B 153 16.26 3.67 -12.27
CA LYS B 153 16.87 3.27 -13.54
C LYS B 153 17.69 1.99 -13.38
N GLY B 154 17.42 1.02 -14.25
CA GLY B 154 18.14 -0.23 -14.27
C GLY B 154 17.74 -1.25 -13.24
N ARG B 155 16.59 -1.06 -12.58
CA ARG B 155 16.24 -1.86 -11.42
C ARG B 155 14.88 -2.55 -11.54
N TYR B 156 14.27 -2.55 -12.73
CA TYR B 156 12.94 -3.11 -12.90
C TYR B 156 12.79 -3.66 -14.31
N GLU B 157 11.75 -4.47 -14.50
CA GLU B 157 11.37 -4.94 -15.82
C GLU B 157 9.86 -5.10 -15.84
N LEU B 158 9.19 -4.38 -16.74
CA LEU B 158 7.74 -4.46 -16.86
C LEU B 158 7.37 -5.58 -17.82
N ILE B 159 6.42 -6.42 -17.42
CA ILE B 159 6.04 -7.59 -18.22
C ILE B 159 4.54 -7.53 -18.51
N PRO B 160 4.11 -6.85 -19.56
CA PRO B 160 2.71 -6.92 -19.96
C PRO B 160 2.44 -8.18 -20.78
N PHE B 161 1.29 -8.80 -20.53
CA PHE B 161 0.92 -10.02 -21.23
C PHE B 161 -0.59 -10.20 -21.15
N SER B 162 -1.11 -11.02 -22.05
CA SER B 162 -2.54 -11.32 -22.11
C SER B 162 -2.79 -12.70 -21.56
N GLY B 163 -3.76 -12.81 -20.66
CA GLY B 163 -4.10 -14.09 -20.05
C GLY B 163 -5.13 -14.87 -20.84
N LYS B 169 3.03 -19.07 -19.71
CA LYS B 169 3.85 -18.24 -20.58
C LYS B 169 4.76 -17.31 -19.78
N ILE B 170 4.42 -17.10 -18.50
CA ILE B 170 5.20 -16.20 -17.67
C ILE B 170 6.63 -16.68 -17.54
N ALA B 171 6.81 -17.97 -17.23
CA ALA B 171 8.15 -18.52 -17.11
C ALA B 171 8.93 -18.38 -18.42
N ASP B 172 8.25 -18.54 -19.56
CA ASP B 172 8.91 -18.37 -20.85
C ASP B 172 9.37 -16.94 -21.05
N ILE B 173 8.54 -15.96 -20.67
CA ILE B 173 8.92 -14.56 -20.82
C ILE B 173 10.09 -14.22 -19.91
N LEU B 174 10.05 -14.67 -18.66
CA LEU B 174 11.10 -14.33 -17.70
C LEU B 174 12.44 -14.93 -18.13
N VAL B 175 12.45 -16.20 -18.52
CA VAL B 175 13.70 -16.85 -18.92
C VAL B 175 14.25 -16.19 -20.18
N ALA B 176 13.38 -15.84 -21.12
CA ALA B 176 13.83 -15.19 -22.34
C ALA B 176 14.42 -13.81 -22.07
N LEU B 177 13.81 -13.05 -21.15
CA LEU B 177 14.31 -11.71 -20.84
C LEU B 177 15.67 -11.77 -20.15
N HIS B 178 15.90 -12.78 -19.32
CA HIS B 178 17.19 -12.87 -18.62
C HIS B 178 18.33 -13.12 -19.60
N ASN B 179 18.11 -13.97 -20.59
CA ASN B 179 19.15 -14.31 -21.56
C ASN B 179 19.62 -13.09 -22.35
#